data_3NDE
#
_entry.id   3NDE
#
_cell.length_a   49.821
_cell.length_b   67.837
_cell.length_c   75.323
_cell.angle_alpha   90.00
_cell.angle_beta   90.00
_cell.angle_gamma   90.00
#
_symmetry.space_group_name_H-M   'P 21 21 21'
#
loop_
_entity.id
_entity.type
_entity.pdbx_description
1 polymer Beta-lactamase
2 non-polymer 'PHOSPHATE ION'
3 non-polymer '(2R)-5-[(acetyloxy)methyl]-2-{(1R)-2-oxo-1-[(thiophen-2-ylacetyl)amino]ethyl}-3,6-dihydro-2H-1,3-thiazine-4-carboxylic acid'
4 water water
#
_entity_poly.entity_id   1
_entity_poly.type   'polypeptide(L)'
_entity_poly.pdbx_seq_one_letter_code
;DLADRFAELERRYDARLGVYVPATGTTAAIEYRADERFAFCSTFKAPLVAAVLHQNPLTHLDKLITYTSDDIRSISPVAQ
QHVQTGMTIGQLCDAAIRYSDGTAANLLLADLGGPGGGTAAFTGYLRSLGDTVSRLDAEAPELNRDPPGDERDTTTPHAI
ALVLQQLVLGNALPPDKRALLTDWMARNTTGAKRIRAGFPADWKVIDKTGTGDYGRANDIAVVWSPTGVPYVVAVMSDRA
GGGYDAEPREALLAEAATCVAGVLA
;
_entity_poly.pdbx_strand_id   A
#
# COMPACT_ATOMS: atom_id res chain seq x y z
N ASP A 1 24.01 -14.39 1.20
CA ASP A 1 23.07 -14.39 2.35
C ASP A 1 22.10 -13.20 2.28
N LEU A 2 20.81 -13.49 2.35
CA LEU A 2 19.76 -12.49 2.14
C LEU A 2 19.82 -11.31 3.11
N ALA A 3 19.99 -11.58 4.40
CA ALA A 3 20.10 -10.50 5.39
C ALA A 3 21.32 -9.62 5.11
N ASP A 4 22.42 -10.25 4.70
CA ASP A 4 23.61 -9.49 4.33
C ASP A 4 23.33 -8.56 3.14
N ARG A 5 22.58 -9.06 2.16
CA ARG A 5 22.26 -8.30 0.97
C ARG A 5 21.37 -7.10 1.31
N PHE A 6 20.38 -7.32 2.18
CA PHE A 6 19.52 -6.22 2.61
C PHE A 6 20.31 -5.17 3.41
N ALA A 7 21.20 -5.62 4.30
CA ALA A 7 22.05 -4.69 5.04
C ALA A 7 22.92 -3.88 4.10
N GLU A 8 23.45 -4.52 3.06
CA GLU A 8 24.25 -3.80 2.04
C GLU A 8 23.46 -2.68 1.38
N LEU A 9 22.18 -2.97 1.05
CA LEU A 9 21.30 -1.97 0.44
C LEU A 9 21.01 -0.82 1.38
N GLU A 10 20.83 -1.12 2.67
CA GLU A 10 20.68 -0.05 3.65
C GLU A 10 21.86 0.90 3.65
N ARG A 11 23.08 0.35 3.63
CA ARG A 11 24.26 1.21 3.60
C ARG A 11 24.34 2.03 2.31
N ARG A 12 23.99 1.38 1.18
CA ARG A 12 24.08 2.01 -0.15
C ARG A 12 23.18 3.22 -0.26
N TYR A 13 21.99 3.12 0.36
CA TYR A 13 20.96 4.14 0.19
C TYR A 13 20.76 4.99 1.44
N ASP A 14 21.65 4.79 2.42
CA ASP A 14 21.54 5.43 3.75
C ASP A 14 20.10 5.34 4.24
N ALA A 15 19.61 4.10 4.28
CA ALA A 15 18.21 3.82 4.47
C ALA A 15 17.96 2.79 5.56
N ARG A 16 16.71 2.76 6.02
CA ARG A 16 16.19 1.66 6.79
C ARG A 16 15.23 0.91 5.89
N LEU A 17 15.43 -0.41 5.78
CA LEU A 17 14.66 -1.26 4.86
C LEU A 17 13.92 -2.33 5.64
N GLY A 18 12.65 -2.54 5.30
CA GLY A 18 11.88 -3.65 5.88
C GLY A 18 11.28 -4.50 4.79
N VAL A 19 11.33 -5.80 4.98
CA VAL A 19 10.86 -6.76 3.97
C VAL A 19 10.10 -7.87 4.66
N TYR A 20 8.92 -8.21 4.13
CA TYR A 20 8.25 -9.45 4.53
C TYR A 20 7.62 -10.19 3.38
N VAL A 21 7.88 -11.50 3.32
CA VAL A 21 7.13 -12.41 2.43
C VAL A 21 6.64 -13.56 3.30
N PRO A 22 5.30 -13.75 3.42
CA PRO A 22 4.74 -14.80 4.27
C PRO A 22 5.20 -16.17 3.80
N ALA A 23 5.34 -17.10 4.74
CA ALA A 23 5.61 -18.50 4.39
C ALA A 23 4.50 -19.09 3.51
N THR A 24 4.90 -20.00 2.63
CA THR A 24 3.96 -20.70 1.77
C THR A 24 4.12 -22.18 1.95
N GLY A 25 3.50 -22.91 1.02
CA GLY A 25 3.81 -24.31 0.74
C GLY A 25 5.19 -24.69 1.21
N THR A 26 6.18 -24.43 0.38
CA THR A 26 7.55 -24.88 0.61
C THR A 26 8.58 -23.76 0.79
N THR A 27 8.13 -22.52 0.93
CA THR A 27 9.10 -21.45 1.21
C THR A 27 8.92 -20.90 2.62
N ALA A 28 10.04 -20.71 3.31
CA ALA A 28 10.03 -20.09 4.63
C ALA A 28 9.68 -18.61 4.43
N ALA A 29 9.13 -18.00 5.47
CA ALA A 29 8.96 -16.54 5.46
C ALA A 29 10.29 -15.85 5.21
N ILE A 30 10.26 -14.76 4.45
CA ILE A 30 11.44 -13.90 4.29
C ILE A 30 11.14 -12.70 5.18
N GLU A 31 12.07 -12.38 6.07
CA GLU A 31 11.83 -11.26 6.98
C GLU A 31 13.09 -10.47 7.23
N TYR A 32 12.99 -9.15 7.12
CA TYR A 32 14.10 -8.28 7.47
C TYR A 32 13.48 -7.02 8.07
N ARG A 33 13.80 -6.74 9.33
CA ARG A 33 13.14 -5.64 10.07
C ARG A 33 11.63 -5.72 9.91
N ALA A 34 11.09 -6.93 9.81
CA ALA A 34 9.70 -7.08 9.37
C ALA A 34 8.69 -6.67 10.42
N ASP A 35 9.12 -6.60 11.68
CA ASP A 35 8.23 -6.18 12.77
C ASP A 35 8.50 -4.75 13.23
N GLU A 36 9.38 -4.06 12.53
CA GLU A 36 9.58 -2.63 12.80
C GLU A 36 8.50 -1.82 12.11
N ARG A 37 8.08 -0.74 12.77
CA ARG A 37 7.06 0.16 12.23
C ARG A 37 7.67 1.04 11.13
N PHE A 38 6.93 1.15 10.02
CA PHE A 38 7.19 2.14 8.95
C PHE A 38 5.88 2.83 8.63
N ALA A 39 5.96 4.09 8.21
CA ALA A 39 4.75 4.82 7.77
C ALA A 39 4.06 4.05 6.65
N PHE A 40 2.73 3.93 6.73
CA PHE A 40 1.89 3.41 5.64
C PHE A 40 2.18 4.15 4.34
N CYS A 41 2.26 5.48 4.45
CA CYS A 41 2.09 6.32 3.26
C CYS A 41 0.88 5.82 2.47
N SER A 42 0.93 5.89 1.15
CA SER A 42 -0.28 5.57 0.37
C SER A 42 -0.65 4.12 0.33
N THR A 43 0.18 3.25 0.91
CA THR A 43 -0.16 1.84 0.86
C THR A 43 -1.50 1.55 1.56
N PHE A 44 -1.95 2.44 2.45
CA PHE A 44 -3.22 2.20 3.15
C PHE A 44 -4.40 2.18 2.19
N LYS A 45 -4.22 2.75 0.99
CA LYS A 45 -5.33 2.88 0.06
C LYS A 45 -5.85 1.54 -0.42
N ALA A 46 -4.99 0.52 -0.45
CA ALA A 46 -5.44 -0.81 -0.84
C ALA A 46 -6.44 -1.40 0.18
N PRO A 47 -6.07 -1.51 1.46
CA PRO A 47 -7.12 -1.96 2.40
C PRO A 47 -8.26 -0.96 2.57
N LEU A 48 -8.03 0.32 2.28
CA LEU A 48 -9.14 1.29 2.35
C LEU A 48 -10.23 0.94 1.35
N VAL A 49 -9.83 0.65 0.12
CA VAL A 49 -10.79 0.28 -0.93
C VAL A 49 -11.49 -1.04 -0.52
N ALA A 50 -10.73 -1.99 0.04
CA ALA A 50 -11.32 -3.22 0.55
C ALA A 50 -12.39 -2.91 1.61
N ALA A 51 -12.08 -1.99 2.52
CA ALA A 51 -13.05 -1.62 3.57
C ALA A 51 -14.34 -1.08 2.98
N VAL A 52 -14.23 -0.14 2.03
CA VAL A 52 -15.37 0.46 1.37
C VAL A 52 -16.18 -0.59 0.59
N LEU A 53 -15.47 -1.45 -0.16
CA LEU A 53 -16.14 -2.55 -0.85
C LEU A 53 -16.89 -3.45 0.13
N HIS A 54 -16.21 -3.84 1.20
CA HIS A 54 -16.82 -4.75 2.20
C HIS A 54 -18.09 -4.16 2.84
N GLN A 55 -18.04 -2.86 3.11
CA GLN A 55 -19.08 -2.17 3.86
C GLN A 55 -20.39 -1.97 3.10
N ASN A 56 -20.35 -2.06 1.77
CA ASN A 56 -21.49 -1.63 0.96
C ASN A 56 -21.89 -2.63 -0.11
N PRO A 57 -23.14 -2.55 -0.61
CA PRO A 57 -23.48 -3.35 -1.78
C PRO A 57 -22.58 -2.95 -2.92
N LEU A 58 -22.37 -3.87 -3.86
CA LEU A 58 -21.48 -3.60 -4.96
C LEU A 58 -21.88 -2.36 -5.76
N THR A 59 -23.18 -2.13 -5.90
CA THR A 59 -23.66 -0.99 -6.68
C THR A 59 -23.50 0.38 -5.98
N HIS A 60 -23.00 0.37 -4.75
CA HIS A 60 -22.52 1.62 -4.13
C HIS A 60 -21.40 2.23 -4.98
N LEU A 61 -20.74 1.40 -5.82
CA LEU A 61 -19.71 1.92 -6.75
C LEU A 61 -20.24 2.98 -7.69
N ASP A 62 -21.56 2.98 -7.89
CA ASP A 62 -22.17 3.87 -8.85
C ASP A 62 -22.66 5.19 -8.26
N LYS A 63 -22.52 5.34 -6.93
CA LYS A 63 -22.88 6.59 -6.26
C LYS A 63 -21.92 7.72 -6.61
N LEU A 64 -22.49 8.84 -7.08
CA LEU A 64 -21.70 10.04 -7.39
C LEU A 64 -21.34 10.82 -6.13
N ILE A 65 -20.05 11.15 -6.00
CA ILE A 65 -19.55 11.96 -4.90
C ILE A 65 -19.09 13.31 -5.43
N THR A 66 -19.58 14.39 -4.82
CA THR A 66 -19.17 15.73 -5.24
C THR A 66 -18.21 16.31 -4.22
N TYR A 67 -17.32 17.18 -4.71
CA TYR A 67 -16.30 17.77 -3.86
C TYR A 67 -15.86 19.09 -4.50
N THR A 68 -15.08 19.86 -3.75
CA THR A 68 -14.82 21.26 -4.09
C THR A 68 -13.34 21.62 -3.95
N SER A 69 -12.99 22.89 -4.20
CA SER A 69 -11.62 23.35 -4.20
C SER A 69 -10.90 23.03 -2.91
N ASP A 70 -11.58 23.21 -1.78
CA ASP A 70 -10.91 23.06 -0.49
C ASP A 70 -10.68 21.58 -0.09
N ASP A 71 -11.15 20.66 -0.93
CA ASP A 71 -10.92 19.21 -0.74
C ASP A 71 -9.61 18.74 -1.39
N ILE A 72 -9.04 19.58 -2.26
CA ILE A 72 -7.81 19.20 -2.96
C ILE A 72 -6.60 19.71 -2.19
N ARG A 73 -5.96 18.80 -1.46
CA ARG A 73 -4.99 19.16 -0.40
C ARG A 73 -3.71 18.33 -0.58
N SER A 74 -3.63 17.55 -1.66
CA SER A 74 -2.56 16.55 -1.83
C SER A 74 -2.48 16.13 -3.29
N ILE A 75 -1.44 15.38 -3.67
CA ILE A 75 -1.32 14.89 -5.05
C ILE A 75 -2.56 14.07 -5.38
N SER A 76 -3.26 14.48 -6.44
CA SER A 76 -4.58 13.96 -6.78
C SER A 76 -4.78 14.01 -8.28
N PRO A 77 -4.04 13.16 -9.02
CA PRO A 77 -3.94 13.24 -10.49
C PRO A 77 -5.28 13.17 -11.19
N VAL A 78 -6.20 12.39 -10.62
CA VAL A 78 -7.51 12.19 -11.23
C VAL A 78 -8.51 13.18 -10.65
N ALA A 79 -8.60 13.26 -9.32
CA ALA A 79 -9.61 14.12 -8.68
C ALA A 79 -9.52 15.58 -9.07
N GLN A 80 -8.30 16.07 -9.32
CA GLN A 80 -8.10 17.46 -9.76
C GLN A 80 -8.81 17.73 -11.10
N GLN A 81 -8.85 16.71 -11.97
CA GLN A 81 -9.43 16.78 -13.34
C GLN A 81 -10.95 16.66 -13.38
N HIS A 82 -11.53 16.12 -12.31
CA HIS A 82 -12.97 15.81 -12.31
C HIS A 82 -13.70 16.63 -11.27
N VAL A 83 -13.04 17.63 -10.72
CA VAL A 83 -13.62 18.42 -9.65
C VAL A 83 -14.96 19.10 -10.05
N GLN A 84 -15.04 19.48 -11.32
CA GLN A 84 -16.23 20.19 -11.84
C GLN A 84 -17.46 19.28 -11.96
N THR A 85 -17.24 17.95 -12.04
CA THR A 85 -18.35 17.00 -12.31
C THR A 85 -18.62 15.99 -11.17
N GLY A 86 -17.66 15.81 -10.27
CA GLY A 86 -17.78 14.78 -9.24
C GLY A 86 -17.20 13.47 -9.74
N MET A 87 -17.11 12.48 -8.83
CA MET A 87 -16.59 11.15 -9.20
C MET A 87 -17.43 10.11 -8.48
N THR A 88 -17.69 8.99 -9.15
CA THR A 88 -18.41 7.91 -8.48
C THR A 88 -17.48 7.22 -7.48
N ILE A 89 -18.04 6.49 -6.53
CA ILE A 89 -17.21 5.72 -5.60
C ILE A 89 -16.25 4.78 -6.37
N GLY A 90 -16.73 4.17 -7.46
CA GLY A 90 -15.90 3.31 -8.28
C GLY A 90 -14.73 4.08 -8.89
N GLN A 91 -15.01 5.28 -9.39
CA GLN A 91 -13.93 6.12 -9.93
C GLN A 91 -12.94 6.49 -8.84
N LEU A 92 -13.44 6.74 -7.62
CA LEU A 92 -12.57 7.12 -6.50
C LEU A 92 -11.67 5.95 -6.09
N CYS A 93 -12.25 4.74 -5.99
CA CYS A 93 -11.44 3.56 -5.73
C CYS A 93 -10.35 3.38 -6.79
N ASP A 94 -10.74 3.52 -8.07
CA ASP A 94 -9.81 3.38 -9.19
C ASP A 94 -8.64 4.36 -9.05
N ALA A 95 -8.97 5.62 -8.83
CA ALA A 95 -7.97 6.69 -8.67
C ALA A 95 -7.10 6.49 -7.44
N ALA A 96 -7.70 6.12 -6.30
CA ALA A 96 -6.93 5.93 -5.06
C ALA A 96 -5.89 4.84 -5.26
N ILE A 97 -6.29 3.75 -5.92
CA ILE A 97 -5.33 2.66 -6.12
C ILE A 97 -4.33 2.94 -7.27
N ARG A 98 -4.84 3.30 -8.44
CA ARG A 98 -4.02 3.28 -9.65
C ARG A 98 -3.18 4.54 -9.85
N TYR A 99 -3.62 5.66 -9.26
CA TYR A 99 -2.93 6.94 -9.33
C TYR A 99 -2.52 7.47 -7.97
N SER A 100 -2.74 6.66 -6.94
CA SER A 100 -2.46 7.04 -5.56
C SER A 100 -3.05 8.42 -5.23
N ASP A 101 -4.29 8.61 -5.65
CA ASP A 101 -4.95 9.91 -5.56
C ASP A 101 -5.37 10.21 -4.10
N GLY A 102 -4.81 11.27 -3.55
CA GLY A 102 -4.99 11.63 -2.13
C GLY A 102 -6.39 12.12 -1.82
N THR A 103 -6.93 12.95 -2.69
CA THR A 103 -8.29 13.43 -2.55
C THR A 103 -9.26 12.25 -2.62
N ALA A 104 -9.04 11.35 -3.57
CA ALA A 104 -9.91 10.17 -3.68
C ALA A 104 -9.90 9.38 -2.37
N ALA A 105 -8.71 9.22 -1.80
CA ALA A 105 -8.57 8.44 -0.58
C ALA A 105 -9.28 9.15 0.57
N ASN A 106 -9.11 10.47 0.67
CA ASN A 106 -9.81 11.22 1.70
C ASN A 106 -11.33 11.13 1.57
N LEU A 107 -11.84 11.16 0.34
CA LEU A 107 -13.28 11.03 0.12
C LEU A 107 -13.77 9.63 0.47
N LEU A 108 -12.94 8.63 0.22
CA LEU A 108 -13.31 7.26 0.58
C LEU A 108 -13.29 7.07 2.09
N LEU A 109 -12.34 7.69 2.77
CA LEU A 109 -12.33 7.68 4.24
C LEU A 109 -13.61 8.29 4.77
N ALA A 110 -14.02 9.42 4.22
CA ALA A 110 -15.27 10.09 4.63
C ALA A 110 -16.51 9.23 4.34
N ASP A 111 -16.46 8.47 3.24
CA ASP A 111 -17.53 7.52 2.90
C ASP A 111 -17.64 6.40 3.94
N LEU A 112 -16.49 5.89 4.38
CA LEU A 112 -16.47 4.88 5.42
C LEU A 112 -17.05 5.48 6.70
N GLY A 113 -16.69 6.73 6.97
CA GLY A 113 -17.31 7.53 8.04
C GLY A 113 -16.83 7.25 9.44
N GLY A 114 -17.50 7.85 10.41
CA GLY A 114 -17.12 7.66 11.82
C GLY A 114 -16.03 8.66 12.24
N PRO A 115 -15.56 8.54 13.49
CA PRO A 115 -14.56 9.42 14.10
C PRO A 115 -13.28 9.53 13.28
N GLY A 116 -12.61 10.67 13.42
CA GLY A 116 -11.33 10.86 12.73
C GLY A 116 -11.45 10.91 11.22
N GLY A 117 -12.61 11.33 10.73
CA GLY A 117 -12.89 11.41 9.28
C GLY A 117 -12.78 10.08 8.56
N GLY A 118 -13.01 8.99 9.29
CA GLY A 118 -12.93 7.65 8.70
C GLY A 118 -11.70 6.86 9.11
N THR A 119 -10.72 7.53 9.73
CA THR A 119 -9.47 6.83 10.11
C THR A 119 -9.69 5.78 11.18
N ALA A 120 -10.60 6.05 12.14
CA ALA A 120 -10.90 5.06 13.16
C ALA A 120 -11.57 3.81 12.54
N ALA A 121 -12.51 4.00 11.61
CA ALA A 121 -13.18 2.85 10.97
C ALA A 121 -12.20 2.09 10.09
N PHE A 122 -11.28 2.82 9.46
CA PHE A 122 -10.24 2.14 8.67
C PHE A 122 -9.41 1.24 9.56
N THR A 123 -8.98 1.76 10.70
CA THR A 123 -8.17 0.99 11.62
C THR A 123 -8.99 -0.24 12.14
N GLY A 124 -10.28 -0.02 12.38
CA GLY A 124 -11.18 -1.09 12.84
C GLY A 124 -11.29 -2.21 11.82
N TYR A 125 -11.28 -1.84 10.54
CA TYR A 125 -11.30 -2.83 9.47
C TYR A 125 -10.03 -3.72 9.53
N LEU A 126 -8.87 -3.09 9.74
CA LEU A 126 -7.62 -3.87 9.90
C LEU A 126 -7.69 -4.78 11.13
N ARG A 127 -8.26 -4.27 12.23
CA ARG A 127 -8.41 -5.09 13.43
C ARG A 127 -9.27 -6.32 13.16
N SER A 128 -10.26 -6.19 12.28
CA SER A 128 -11.17 -7.30 11.95
C SER A 128 -10.45 -8.40 11.17
N LEU A 129 -9.33 -8.05 10.55
CA LEU A 129 -8.49 -8.99 9.82
C LEU A 129 -7.33 -9.47 10.69
N GLY A 130 -7.41 -9.21 12.01
CA GLY A 130 -6.42 -9.73 12.96
C GLY A 130 -5.13 -8.94 13.06
N ASP A 131 -5.11 -7.74 12.46
CA ASP A 131 -3.96 -6.85 12.52
C ASP A 131 -4.14 -5.96 13.75
N THR A 132 -3.37 -6.26 14.80
CA THR A 132 -3.42 -5.51 16.05
C THR A 132 -2.27 -4.51 16.14
N VAL A 133 -1.57 -4.32 15.01
CA VAL A 133 -0.37 -3.49 14.98
C VAL A 133 -0.60 -2.15 14.30
N SER A 134 -1.20 -2.17 13.11
CA SER A 134 -1.26 -0.96 12.27
C SER A 134 -2.21 0.07 12.82
N ARG A 135 -2.00 1.32 12.43
CA ARG A 135 -2.92 2.37 12.83
C ARG A 135 -2.89 3.51 11.83
N LEU A 136 -4.07 4.07 11.53
CA LEU A 136 -4.16 5.27 10.72
C LEU A 136 -4.77 6.35 11.59
N ASP A 137 -4.14 7.52 11.59
CA ASP A 137 -4.50 8.63 12.50
C ASP A 137 -4.83 9.93 11.79
N ALA A 138 -4.39 10.04 10.54
CA ALA A 138 -4.53 11.27 9.77
C ALA A 138 -4.93 10.88 8.37
N GLU A 139 -5.45 11.85 7.61
CA GLU A 139 -5.63 11.58 6.20
C GLU A 139 -4.57 12.29 5.37
N ALA A 140 -4.76 12.36 4.06
CA ALA A 140 -3.80 13.01 3.18
C ALA A 140 -3.95 14.54 3.35
N PRO A 141 -2.83 15.30 3.41
CA PRO A 141 -1.41 14.99 3.29
C PRO A 141 -0.71 14.55 4.58
N GLU A 142 -1.36 14.78 5.71
CA GLU A 142 -0.68 14.71 7.00
C GLU A 142 -0.08 13.32 7.28
N LEU A 143 -0.70 12.28 6.76
CA LEU A 143 -0.30 10.92 7.18
C LEU A 143 1.11 10.55 6.72
N ASN A 144 1.66 11.30 5.76
CA ASN A 144 3.02 11.06 5.27
C ASN A 144 4.14 11.76 6.04
N ARG A 145 3.75 12.55 7.05
CA ARG A 145 4.64 13.57 7.63
C ARG A 145 5.12 13.29 9.05
N ASP A 146 4.70 12.17 9.64
CA ASP A 146 5.05 11.95 11.05
C ASP A 146 6.55 11.77 11.19
N PRO A 147 7.15 12.30 12.29
CA PRO A 147 8.59 12.16 12.40
C PRO A 147 9.02 10.68 12.41
N PRO A 148 10.25 10.39 11.97
CA PRO A 148 10.83 9.05 12.12
C PRO A 148 10.67 8.53 13.55
N GLY A 149 10.21 7.29 13.68
CA GLY A 149 9.98 6.66 14.99
C GLY A 149 8.57 6.84 15.55
N ASP A 150 7.86 7.90 15.13
CA ASP A 150 6.50 8.16 15.61
C ASP A 150 5.59 7.00 15.16
N GLU A 151 4.73 6.51 16.06
CA GLU A 151 3.88 5.38 15.68
C GLU A 151 2.60 5.76 14.93
N ARG A 152 2.27 7.05 14.88
CA ARG A 152 1.07 7.43 14.14
C ARG A 152 1.22 7.04 12.69
N ASP A 153 0.12 6.56 12.09
CA ASP A 153 0.05 6.27 10.65
C ASP A 153 1.05 5.20 10.20
N THR A 154 1.32 4.23 11.08
CA THR A 154 2.29 3.18 10.75
C THR A 154 1.70 1.80 10.63
N THR A 155 2.41 0.96 9.88
CA THR A 155 2.16 -0.46 9.85
C THR A 155 3.54 -1.14 9.98
N THR A 156 3.62 -2.44 9.72
CA THR A 156 4.92 -3.11 9.60
C THR A 156 4.86 -3.97 8.35
N PRO A 157 6.04 -4.32 7.80
CA PRO A 157 6.01 -5.17 6.61
C PRO A 157 5.24 -6.47 6.90
N HIS A 158 5.47 -7.05 8.07
CA HIS A 158 4.76 -8.26 8.50
C HIS A 158 3.24 -8.04 8.53
N ALA A 159 2.78 -6.98 9.23
CA ALA A 159 1.34 -6.76 9.41
C ALA A 159 0.64 -6.51 8.07
N ILE A 160 1.22 -5.66 7.22
CA ILE A 160 0.54 -5.30 6.00
C ILE A 160 0.56 -6.46 5.00
N ALA A 161 1.61 -7.28 5.06
CA ALA A 161 1.65 -8.46 4.19
C ALA A 161 0.52 -9.44 4.53
N LEU A 162 0.28 -9.65 5.83
CA LEU A 162 -0.77 -10.58 6.25
C LEU A 162 -2.15 -10.03 5.89
N VAL A 163 -2.32 -8.71 5.99
CA VAL A 163 -3.56 -8.05 5.56
C VAL A 163 -3.75 -8.25 4.06
N LEU A 164 -2.72 -7.93 3.27
CA LEU A 164 -2.87 -8.05 1.82
C LEU A 164 -3.13 -9.49 1.41
N GLN A 165 -2.49 -10.43 2.10
CA GLN A 165 -2.70 -11.85 1.80
C GLN A 165 -4.18 -12.21 1.96
N GLN A 166 -4.81 -11.77 3.05
CA GLN A 166 -6.23 -12.07 3.27
C GLN A 166 -7.13 -11.45 2.21
N LEU A 167 -6.80 -10.20 1.82
CA LEU A 167 -7.60 -9.45 0.87
C LEU A 167 -7.58 -10.05 -0.52
N VAL A 168 -6.39 -10.41 -1.00
CA VAL A 168 -6.22 -10.83 -2.40
C VAL A 168 -6.26 -12.35 -2.57
N LEU A 169 -5.65 -13.07 -1.63
CA LEU A 169 -5.53 -14.53 -1.74
C LEU A 169 -6.55 -15.25 -0.88
N GLY A 170 -6.88 -14.68 0.27
CA GLY A 170 -7.81 -15.29 1.22
C GLY A 170 -9.25 -14.88 1.00
N ASN A 171 -10.05 -15.01 2.06
CA ASN A 171 -11.50 -14.86 1.93
C ASN A 171 -12.05 -13.64 2.67
N ALA A 172 -11.21 -12.62 2.88
CA ALA A 172 -11.67 -11.40 3.55
C ALA A 172 -12.82 -10.73 2.79
N LEU A 173 -12.77 -10.82 1.47
CA LEU A 173 -13.81 -10.26 0.60
C LEU A 173 -14.49 -11.38 -0.16
N PRO A 174 -15.78 -11.18 -0.53
CA PRO A 174 -16.43 -12.13 -1.46
C PRO A 174 -15.72 -12.06 -2.79
N PRO A 175 -15.81 -13.13 -3.59
CA PRO A 175 -15.08 -13.16 -4.86
C PRO A 175 -15.26 -11.96 -5.79
N ASP A 176 -16.47 -11.41 -5.86
CA ASP A 176 -16.71 -10.30 -6.77
C ASP A 176 -15.99 -9.03 -6.34
N LYS A 177 -16.02 -8.75 -5.03
CA LYS A 177 -15.30 -7.60 -4.50
C LYS A 177 -13.79 -7.83 -4.53
N ARG A 178 -13.37 -9.07 -4.25
CA ARG A 178 -11.96 -9.42 -4.28
C ARG A 178 -11.40 -9.17 -5.67
N ALA A 179 -12.18 -9.49 -6.69
CA ALA A 179 -11.76 -9.32 -8.07
C ALA A 179 -11.60 -7.84 -8.43
N LEU A 180 -12.51 -6.99 -7.94
CA LEU A 180 -12.42 -5.55 -8.17
C LEU A 180 -11.12 -4.98 -7.59
N LEU A 181 -10.83 -5.35 -6.34
CA LEU A 181 -9.59 -4.88 -5.71
C LEU A 181 -8.35 -5.38 -6.47
N THR A 182 -8.35 -6.68 -6.79
CA THR A 182 -7.22 -7.28 -7.49
C THR A 182 -6.96 -6.60 -8.81
N ASP A 183 -8.03 -6.37 -9.58
CA ASP A 183 -7.87 -5.75 -10.91
C ASP A 183 -7.35 -4.33 -10.82
N TRP A 184 -7.80 -3.56 -9.81
CA TRP A 184 -7.30 -2.20 -9.68
C TRP A 184 -5.81 -2.23 -9.37
N MET A 185 -5.38 -3.12 -8.48
CA MET A 185 -3.96 -3.24 -8.16
C MET A 185 -3.19 -3.76 -9.38
N ALA A 186 -3.83 -4.65 -10.15
CA ALA A 186 -3.19 -5.16 -11.37
C ALA A 186 -2.91 -4.08 -12.39
N ARG A 187 -3.74 -3.06 -12.39
CA ARG A 187 -3.66 -1.98 -13.35
C ARG A 187 -3.01 -0.72 -12.78
N ASN A 188 -2.35 -0.88 -11.65
CA ASN A 188 -1.67 0.25 -11.04
C ASN A 188 -0.67 0.90 -11.99
N THR A 189 -0.61 2.23 -11.96
CA THR A 189 0.28 2.97 -12.87
C THR A 189 1.57 3.44 -12.19
N THR A 190 1.67 3.28 -10.87
CA THR A 190 2.72 3.97 -10.11
C THR A 190 3.89 3.10 -9.69
N GLY A 191 3.84 1.81 -10.04
CA GLY A 191 4.72 0.81 -9.43
C GLY A 191 5.80 0.19 -10.30
N ALA A 192 5.97 0.72 -11.52
CA ALA A 192 6.86 0.06 -12.51
C ALA A 192 8.31 -0.05 -12.03
N LYS A 193 8.73 0.89 -11.17
CA LYS A 193 10.14 0.94 -10.76
C LYS A 193 10.36 0.37 -9.36
N ARG A 194 9.36 -0.33 -8.83
CA ARG A 194 9.50 -0.91 -7.49
C ARG A 194 9.52 -2.43 -7.53
N ILE A 195 8.58 -3.09 -6.87
CA ILE A 195 8.57 -4.55 -6.85
C ILE A 195 8.54 -5.13 -8.27
N ARG A 196 7.70 -4.54 -9.12
CA ARG A 196 7.64 -4.94 -10.55
C ARG A 196 9.03 -5.01 -11.20
N ALA A 197 9.89 -4.03 -10.90
CA ALA A 197 11.22 -4.00 -11.51
C ALA A 197 12.12 -5.17 -11.07
N GLY A 198 11.79 -5.81 -9.94
CA GLY A 198 12.63 -6.87 -9.39
C GLY A 198 12.22 -8.28 -9.81
N PHE A 199 11.04 -8.41 -10.43
CA PHE A 199 10.53 -9.73 -10.87
C PHE A 199 10.55 -9.88 -12.39
N PRO A 200 10.90 -11.09 -12.88
CA PRO A 200 10.92 -11.27 -14.33
C PRO A 200 9.55 -11.01 -14.94
N ALA A 201 9.55 -10.65 -16.22
CA ALA A 201 8.34 -10.33 -16.96
C ALA A 201 7.25 -11.42 -16.98
N ASP A 202 7.66 -12.68 -16.89
CA ASP A 202 6.67 -13.75 -16.86
C ASP A 202 6.03 -14.01 -15.50
N TRP A 203 6.41 -13.19 -14.50
CA TRP A 203 5.69 -13.21 -13.22
C TRP A 203 4.67 -12.10 -13.27
N LYS A 204 3.43 -12.38 -12.88
CA LYS A 204 2.39 -11.34 -12.73
C LYS A 204 2.63 -10.55 -11.45
N VAL A 205 2.48 -9.23 -11.52
CA VAL A 205 2.65 -8.40 -10.32
C VAL A 205 1.45 -7.46 -10.22
N ILE A 206 0.86 -7.40 -9.02
CA ILE A 206 -0.15 -6.38 -8.73
C ILE A 206 0.36 -5.64 -7.49
N ASP A 207 0.14 -4.33 -7.39
CA ASP A 207 0.75 -3.62 -6.25
C ASP A 207 0.07 -2.30 -5.90
N LYS A 208 0.44 -1.80 -4.72
CA LYS A 208 0.07 -0.44 -4.30
C LYS A 208 1.31 0.18 -3.67
N THR A 209 1.72 1.33 -4.18
CA THR A 209 2.92 2.01 -3.67
C THR A 209 2.62 2.99 -2.54
N GLY A 210 3.66 3.45 -1.86
CA GLY A 210 3.53 4.58 -0.96
C GLY A 210 4.81 5.38 -1.01
N THR A 211 4.70 6.70 -0.92
CA THR A 211 5.88 7.57 -0.90
C THR A 211 5.60 8.71 0.08
N GLY A 212 6.60 9.10 0.87
CA GLY A 212 6.36 10.14 1.86
C GLY A 212 7.61 10.92 2.19
N ASP A 213 7.52 11.75 3.22
CA ASP A 213 8.64 12.56 3.64
C ASP A 213 9.66 11.68 4.32
N TYR A 214 10.82 12.26 4.64
CA TYR A 214 11.93 11.51 5.24
C TYR A 214 12.35 10.36 4.34
N GLY A 215 12.25 10.55 3.02
CA GLY A 215 12.72 9.55 2.06
C GLY A 215 11.94 8.26 2.07
N ARG A 216 10.67 8.33 2.48
CA ARG A 216 9.82 7.11 2.56
C ARG A 216 9.42 6.58 1.19
N ALA A 217 9.68 5.30 0.95
CA ALA A 217 9.21 4.66 -0.26
C ALA A 217 8.83 3.21 0.06
N ASN A 218 7.59 2.86 -0.24
CA ASN A 218 7.05 1.53 0.06
C ASN A 218 6.42 0.92 -1.17
N ASP A 219 6.22 -0.39 -1.13
CA ASP A 219 5.41 -1.05 -2.16
C ASP A 219 4.89 -2.34 -1.54
N ILE A 220 3.60 -2.62 -1.72
CA ILE A 220 3.05 -3.90 -1.29
C ILE A 220 2.50 -4.57 -2.53
N ALA A 221 2.78 -5.86 -2.70
CA ALA A 221 2.40 -6.56 -3.93
C ALA A 221 1.94 -7.97 -3.67
N VAL A 222 1.15 -8.49 -4.60
CA VAL A 222 0.99 -9.93 -4.74
C VAL A 222 1.59 -10.30 -6.09
N VAL A 223 2.44 -11.33 -6.09
CA VAL A 223 3.10 -11.76 -7.32
C VAL A 223 2.70 -13.21 -7.58
N TRP A 224 2.70 -13.58 -8.86
CA TRP A 224 2.39 -14.96 -9.23
C TRP A 224 3.48 -15.46 -10.15
N SER A 225 4.00 -16.64 -9.83
CA SER A 225 5.00 -17.28 -10.65
C SER A 225 4.38 -17.65 -12.00
N PRO A 226 5.24 -17.97 -12.97
CA PRO A 226 4.75 -18.43 -14.28
C PRO A 226 3.85 -19.68 -14.19
N THR A 227 3.90 -20.40 -13.08
CA THR A 227 3.03 -21.57 -12.88
C THR A 227 1.87 -21.31 -11.93
N GLY A 228 1.65 -20.04 -11.60
CA GLY A 228 0.48 -19.68 -10.80
C GLY A 228 0.62 -19.85 -9.30
N VAL A 229 1.84 -19.85 -8.79
CA VAL A 229 2.06 -19.90 -7.34
C VAL A 229 2.18 -18.47 -6.84
N PRO A 230 1.29 -18.06 -5.91
CA PRO A 230 1.31 -16.67 -5.44
C PRO A 230 2.15 -16.42 -4.19
N TYR A 231 2.74 -15.22 -4.11
CA TYR A 231 3.49 -14.80 -2.93
C TYR A 231 3.09 -13.36 -2.66
N VAL A 232 3.11 -12.97 -1.39
CA VAL A 232 2.86 -11.58 -1.01
C VAL A 232 4.20 -10.97 -0.66
N VAL A 233 4.46 -9.75 -1.15
CA VAL A 233 5.77 -9.12 -0.96
C VAL A 233 5.52 -7.70 -0.44
N ALA A 234 6.02 -7.41 0.75
CA ALA A 234 5.91 -6.05 1.34
C ALA A 234 7.31 -5.51 1.53
N VAL A 235 7.60 -4.38 0.90
CA VAL A 235 8.89 -3.74 1.06
C VAL A 235 8.63 -2.30 1.47
N MET A 236 9.29 -1.90 2.55
CA MET A 236 9.12 -0.55 3.12
C MET A 236 10.47 0.09 3.39
N SER A 237 10.55 1.40 3.24
CA SER A 237 11.85 2.04 3.44
C SER A 237 11.75 3.50 3.87
N ASP A 238 12.74 3.96 4.61
CA ASP A 238 12.86 5.40 4.86
C ASP A 238 14.33 5.81 4.88
N ARG A 239 14.58 7.10 4.76
CA ARG A 239 15.94 7.61 4.80
C ARG A 239 15.98 8.78 5.78
N ALA A 240 15.64 8.48 7.03
CA ALA A 240 15.49 9.52 8.06
C ALA A 240 16.76 10.33 8.27
N GLY A 241 17.91 9.73 7.95
CA GLY A 241 19.18 10.44 8.02
C GLY A 241 19.30 11.68 7.16
N GLY A 242 18.45 11.81 6.14
CA GLY A 242 18.44 13.01 5.30
C GLY A 242 17.41 14.06 5.71
N GLY A 243 16.71 13.80 6.81
CA GLY A 243 15.67 14.70 7.29
C GLY A 243 14.42 14.72 6.42
N TYR A 244 13.57 15.71 6.66
CA TYR A 244 12.22 15.75 6.07
C TYR A 244 12.22 15.68 4.54
N ASP A 245 13.21 16.35 3.95
CA ASP A 245 13.26 16.47 2.50
C ASP A 245 14.12 15.39 1.84
N ALA A 246 14.54 14.36 2.61
CA ALA A 246 15.28 13.24 2.03
C ALA A 246 14.53 12.68 0.82
N GLU A 247 15.25 12.45 -0.26
CA GLU A 247 14.62 11.90 -1.48
C GLU A 247 14.23 10.42 -1.30
N PRO A 248 12.96 10.06 -1.61
CA PRO A 248 12.64 8.63 -1.64
C PRO A 248 13.45 7.98 -2.74
N ARG A 249 13.85 6.72 -2.58
CA ARG A 249 14.68 6.07 -3.58
C ARG A 249 14.08 4.74 -4.03
N GLU A 250 13.32 4.79 -5.12
CA GLU A 250 12.65 3.60 -5.67
C GLU A 250 13.61 2.46 -5.97
N ALA A 251 14.84 2.80 -6.37
CA ALA A 251 15.82 1.79 -6.74
C ALA A 251 16.12 0.86 -5.58
N LEU A 252 16.04 1.37 -4.35
CA LEU A 252 16.20 0.52 -3.17
C LEU A 252 15.17 -0.61 -3.18
N LEU A 253 13.93 -0.28 -3.51
CA LEU A 253 12.86 -1.27 -3.51
C LEU A 253 13.03 -2.24 -4.68
N ALA A 254 13.45 -1.72 -5.83
CA ALA A 254 13.70 -2.58 -7.00
C ALA A 254 14.82 -3.60 -6.71
N GLU A 255 15.89 -3.15 -6.06
CA GLU A 255 16.99 -4.06 -5.68
C GLU A 255 16.54 -5.07 -4.62
N ALA A 256 15.81 -4.59 -3.62
CA ALA A 256 15.31 -5.49 -2.59
C ALA A 256 14.43 -6.58 -3.22
N ALA A 257 13.54 -6.15 -4.12
CA ALA A 257 12.64 -7.10 -4.81
C ALA A 257 13.41 -8.10 -5.69
N THR A 258 14.51 -7.63 -6.30
CA THR A 258 15.33 -8.51 -7.14
C THR A 258 15.92 -9.61 -6.28
N CYS A 259 16.33 -9.25 -5.06
CA CYS A 259 16.91 -10.19 -4.12
C CYS A 259 15.85 -11.20 -3.70
N VAL A 260 14.64 -10.72 -3.40
CA VAL A 260 13.53 -11.60 -3.07
C VAL A 260 13.18 -12.55 -4.23
N ALA A 261 13.07 -12.00 -5.45
CA ALA A 261 12.72 -12.81 -6.63
C ALA A 261 13.75 -13.93 -6.88
N GLY A 262 15.02 -13.63 -6.60
CA GLY A 262 16.08 -14.65 -6.70
C GLY A 262 15.82 -15.87 -5.81
N VAL A 263 15.30 -15.63 -4.60
CA VAL A 263 15.01 -16.71 -3.67
C VAL A 263 13.73 -17.45 -4.06
N LEU A 264 12.75 -16.72 -4.59
CA LEU A 264 11.45 -17.31 -4.90
C LEU A 264 11.44 -18.08 -6.23
N ALA A 265 12.37 -17.76 -7.14
CA ALA A 265 12.48 -18.49 -8.42
C ALA A 265 12.93 -19.95 -8.28
#